data_9MJM
#
_entry.id   9MJM
#
_cell.length_a   40.790
_cell.length_b   85.150
_cell.length_c   175.290
_cell.angle_alpha   90.00
_cell.angle_beta   90.00
_cell.angle_gamma   90.00
#
_symmetry.space_group_name_H-M   'P 21 21 21'
#
loop_
_entity.id
_entity.type
_entity.pdbx_description
1 polymer 'Son of sevenless homolog 1'
2 non-polymer 2-({(1R)-1-[2-methyl-3-(trifluoromethyl)phenyl]ethyl}amino)-3-(2-oxaspiro[3.3]heptan-6-yl)-5,6,7,8-tetrahydropyrido[4,3-d]pyrimidin-4(3H)-one
3 non-polymer 1,2-ETHANEDIOL
4 non-polymer IMIDAZOLE
5 water water
#
_entity_poly.entity_id   1
_entity_poly.type   'polypeptide(L)'
_entity_poly.pdbx_seq_one_letter_code
;GEEQMRLPSADVYRFAEPDSEENIIFEENMQPKAGIPIIKAGTVIKLIERLTYHMYADPNFVRTFLTTYRSFCKPQELLS
LIIERFEIPEPEPTEADRIAIENGDQPLSAELKRFRKEYIQPVQLRVLNVCRHWVEHHFYDFERDAYLLQRMEEFIGTVR
GKAMKKWVESITKIIQRKKIARDNGPGHNITFQSSPPTVEWHISRPGHIETFDLLTLHPIEIARQLTLLESDLYRAVQPS
ELVGSVWTKEDKEINSPNLLKMIRHTTNLTLWFEKCIVETENLEERVAVVSRIIEILQVFQELNNFNGVLEVVSAMNSSP
VYRLDHTFEQIPSRQKKILEEAHELSEDHYKKYLAKLRSINPPCVPFFGIYLTNILKTEEGNPEVLKRHGKELINFSKRR
KVAEITGEIQQYQNQPYCLRVESDIKRFFENLNPMGNSMEKEFTDYLFNKSLEIEPRNPKPLPRFPKKYSYPLKSPGVRP
SNPRPGT
;
_entity_poly.pdbx_strand_id   A
#
# COMPACT_ATOMS: atom_id res chain seq x y z
N GLU A 3 30.02 1.67 38.22
CA GLU A 3 29.11 0.52 38.45
C GLU A 3 28.42 0.07 37.16
N GLN A 4 29.21 -0.26 36.14
CA GLN A 4 28.64 -0.68 34.85
C GLN A 4 28.01 -2.09 34.89
N MET A 5 28.53 -2.91 35.79
CA MET A 5 28.30 -4.35 35.89
C MET A 5 26.88 -4.79 36.25
N ARG A 6 26.02 -3.82 36.52
CA ARG A 6 24.60 -4.06 36.57
C ARG A 6 24.02 -4.54 35.25
N LEU A 7 24.50 -4.00 34.13
CA LEU A 7 24.08 -4.53 32.83
C LEU A 7 24.86 -5.80 32.50
N PRO A 8 24.27 -6.74 31.76
CA PRO A 8 24.94 -8.00 31.45
C PRO A 8 26.09 -7.82 30.46
N SER A 9 27.03 -8.75 30.52
CA SER A 9 28.25 -8.59 29.78
C SER A 9 28.08 -9.04 28.32
N ALA A 10 28.98 -8.55 27.46
CA ALA A 10 28.99 -8.95 26.05
C ALA A 10 29.31 -10.43 25.80
N ASP A 11 29.91 -11.07 26.80
CA ASP A 11 30.09 -12.52 26.80
C ASP A 11 28.78 -13.30 26.77
N VAL A 12 27.74 -12.69 27.31
CA VAL A 12 26.51 -13.39 27.63
C VAL A 12 25.29 -12.75 26.99
N TYR A 13 25.42 -11.52 26.48
CA TYR A 13 24.26 -10.78 26.01
C TYR A 13 24.67 -9.71 25.04
N ARG A 14 24.04 -9.71 23.87
CA ARG A 14 24.49 -8.79 22.82
C ARG A 14 23.82 -7.43 22.83
N PHE A 15 22.80 -7.23 23.68
CA PHE A 15 21.98 -6.02 23.59
C PHE A 15 22.23 -5.05 24.75
N ALA A 16 23.46 -5.06 25.24
CA ALA A 16 23.82 -4.21 26.38
C ALA A 16 25.18 -3.56 26.23
N GLU A 17 25.71 -3.55 25.01
CA GLU A 17 26.95 -2.82 24.75
C GLU A 17 26.66 -1.32 24.71
N PRO A 18 27.62 -0.44 25.06
CA PRO A 18 27.38 1.00 25.05
C PRO A 18 27.01 1.56 23.67
N ASP A 19 26.12 2.55 23.70
CA ASP A 19 25.93 3.43 22.54
C ASP A 19 27.22 4.12 22.13
N SER A 20 27.47 4.16 20.84
CA SER A 20 28.62 4.87 20.31
C SER A 20 28.27 5.46 18.96
N GLU A 21 29.15 6.33 18.47
CA GLU A 21 29.00 6.82 17.11
C GLU A 21 29.33 5.76 16.07
N GLU A 22 29.87 4.63 16.52
CA GLU A 22 30.07 3.49 15.65
C GLU A 22 28.88 2.52 15.64
N ASN A 23 27.81 2.80 16.38
CA ASN A 23 26.68 1.85 16.43
C ASN A 23 25.29 2.45 16.36
N ILE A 24 25.15 3.72 16.69
CA ILE A 24 23.85 4.38 16.69
C ILE A 24 24.02 5.88 16.47
N ILE A 25 23.20 6.43 15.60
CA ILE A 25 23.12 7.87 15.39
C ILE A 25 21.68 8.27 15.66
N PHE A 26 21.50 9.35 16.39
CA PHE A 26 20.19 9.93 16.61
C PHE A 26 20.01 11.19 15.79
N GLU A 27 18.77 11.59 15.65
CA GLU A 27 18.40 12.89 15.12
C GLU A 27 18.39 13.94 16.22
N GLY A 35 11.88 14.41 25.91
CA GLY A 35 11.44 13.79 24.66
C GLY A 35 12.02 12.41 24.48
N ILE A 36 11.32 11.59 23.72
CA ILE A 36 11.86 10.29 23.32
C ILE A 36 12.80 10.53 22.14
N PRO A 37 14.02 9.96 22.13
CA PRO A 37 14.96 10.19 21.05
C PRO A 37 14.58 9.45 19.76
N ILE A 38 14.92 10.09 18.65
CA ILE A 38 14.60 9.54 17.34
C ILE A 38 15.90 9.06 16.72
N ILE A 39 15.91 7.81 16.30
CA ILE A 39 17.09 7.18 15.75
C ILE A 39 17.17 7.52 14.27
N LYS A 40 18.36 7.92 13.84
CA LYS A 40 18.62 8.12 12.42
C LYS A 40 19.14 6.84 11.76
N ALA A 41 20.02 6.16 12.49
CA ALA A 41 20.70 5.00 11.95
C ALA A 41 21.19 4.14 13.08
N GLY A 42 21.28 2.85 12.81
CA GLY A 42 21.80 1.93 13.81
C GLY A 42 22.22 0.62 13.22
N THR A 43 22.98 -0.15 14.00
CA THR A 43 23.09 -1.58 13.72
C THR A 43 21.78 -2.28 14.05
N VAL A 44 21.49 -3.43 13.42
CA VAL A 44 20.26 -4.15 13.76
C VAL A 44 20.12 -4.48 15.25
N ILE A 45 21.23 -4.83 15.90
CA ILE A 45 21.20 -5.06 17.35
C ILE A 45 20.80 -3.83 18.16
N LYS A 46 21.36 -2.68 17.81
CA LYS A 46 20.93 -1.43 18.44
C LYS A 46 19.50 -1.02 18.10
N LEU A 47 19.05 -1.31 16.89
CA LEU A 47 17.64 -1.09 16.55
C LEU A 47 16.72 -1.99 17.36
N ILE A 48 17.08 -3.27 17.51
CA ILE A 48 16.29 -4.19 18.34
C ILE A 48 16.27 -3.80 19.80
N GLU A 49 17.44 -3.40 20.31
CA GLU A 49 17.57 -2.89 21.65
C GLU A 49 16.65 -1.72 21.92
N ARG A 50 16.69 -0.74 21.02
CA ARG A 50 15.86 0.44 21.18
C ARG A 50 14.40 0.18 20.89
N LEU A 51 14.11 -0.81 20.05
CA LEU A 51 12.75 -1.29 19.82
C LEU A 51 12.08 -1.78 21.10
N THR A 52 12.90 -2.26 22.02
CA THR A 52 12.47 -2.88 23.25
C THR A 52 13.13 -2.24 24.47
N TYR A 53 13.31 -0.93 24.43
CA TYR A 53 14.11 -0.23 25.44
C TYR A 53 13.44 -0.20 26.81
N HIS A 54 14.21 -0.45 27.85
CA HIS A 54 13.60 -0.67 29.16
C HIS A 54 13.08 0.59 29.85
N MET A 55 13.59 1.75 29.44
CA MET A 55 13.30 2.96 30.20
C MET A 55 12.04 3.70 29.78
N TYR A 56 11.52 3.39 28.60
CA TYR A 56 10.35 4.08 28.07
C TYR A 56 9.69 3.18 27.03
N ALA A 57 8.40 3.36 26.78
CA ALA A 57 7.80 2.71 25.62
C ALA A 57 7.90 3.65 24.41
N ASP A 58 7.95 3.07 23.22
CA ASP A 58 8.21 3.84 22.01
C ASP A 58 7.28 3.44 20.87
N PRO A 59 5.97 3.75 20.95
CA PRO A 59 5.00 3.28 19.96
C PRO A 59 5.20 3.75 18.53
N ASN A 60 5.77 4.93 18.33
CA ASN A 60 6.12 5.37 16.98
C ASN A 60 7.22 4.55 16.35
N PHE A 61 8.21 4.19 17.16
CA PHE A 61 9.30 3.38 16.63
C PHE A 61 8.87 1.94 16.40
N VAL A 62 8.01 1.41 17.27
CA VAL A 62 7.46 0.07 17.05
C VAL A 62 6.68 -0.03 15.75
N ARG A 63 5.80 0.94 15.54
CA ARG A 63 5.00 0.98 14.34
C ARG A 63 5.83 1.04 13.05
N THR A 64 6.80 1.93 13.10
CA THR A 64 7.61 2.22 11.92
C THR A 64 8.57 1.07 11.66
N PHE A 65 9.13 0.50 12.74
CA PHE A 65 10.01 -0.65 12.61
C PHE A 65 9.27 -1.81 11.98
N LEU A 66 8.11 -2.15 12.55
CA LEU A 66 7.37 -3.29 12.04
C LEU A 66 6.80 -3.10 10.63
N THR A 67 6.60 -1.85 10.22
CA THR A 67 6.23 -1.56 8.82
C THR A 67 7.40 -1.75 7.87
N THR A 68 8.61 -1.45 8.33
CA THR A 68 9.73 -1.24 7.40
C THR A 68 10.87 -2.24 7.51
N TYR A 69 10.85 -3.08 8.54
CA TYR A 69 12.04 -3.91 8.85
C TYR A 69 12.48 -4.86 7.75
N ARG A 70 11.53 -5.25 6.91
CA ARG A 70 11.82 -6.23 5.85
C ARG A 70 12.82 -5.73 4.84
N SER A 71 12.98 -4.40 4.75
CA SER A 71 14.05 -3.81 3.96
C SER A 71 15.44 -3.91 4.56
N PHE A 72 15.60 -4.48 5.75
CA PHE A 72 16.92 -4.60 6.38
C PHE A 72 17.13 -5.90 7.16
N CYS A 73 16.08 -6.71 7.32
CA CYS A 73 16.13 -7.87 8.19
C CYS A 73 15.04 -8.82 7.75
N LYS A 74 15.29 -10.12 7.77
CA LYS A 74 14.21 -11.05 7.39
C LYS A 74 13.32 -11.32 8.59
N PRO A 75 12.03 -11.68 8.40
CA PRO A 75 11.15 -12.08 9.49
C PRO A 75 11.73 -13.10 10.46
N GLN A 76 12.32 -14.16 9.92
CA GLN A 76 12.94 -15.19 10.75
C GLN A 76 14.10 -14.67 11.61
N GLU A 77 14.91 -13.78 11.01
CA GLU A 77 15.97 -13.10 11.74
C GLU A 77 15.41 -12.21 12.84
N LEU A 78 14.34 -11.46 12.54
CA LEU A 78 13.67 -10.64 13.55
C LEU A 78 13.20 -11.45 14.74
N LEU A 79 12.53 -12.56 14.44
CA LEU A 79 12.00 -13.39 15.53
C LEU A 79 13.10 -13.95 16.41
N SER A 80 14.19 -14.37 15.76
CA SER A 80 15.37 -14.84 16.48
C SER A 80 15.97 -13.77 17.37
N LEU A 81 16.08 -12.56 16.82
CA LEU A 81 16.64 -11.44 17.55
C LEU A 81 15.80 -10.99 18.73
N ILE A 82 14.48 -10.97 18.57
CA ILE A 82 13.65 -10.58 19.71
C ILE A 82 13.58 -11.68 20.76
N ILE A 83 13.63 -12.95 20.35
CA ILE A 83 13.73 -14.03 21.34
C ILE A 83 15.05 -13.96 22.11
N GLU A 84 16.13 -13.71 21.40
CA GLU A 84 17.41 -13.51 22.05
C GLU A 84 17.46 -12.32 22.99
N ARG A 85 16.80 -11.24 22.58
CA ARG A 85 16.58 -10.07 23.43
C ARG A 85 15.85 -10.39 24.74
N PHE A 86 14.90 -11.31 24.65
CA PHE A 86 14.07 -11.70 25.77
C PHE A 86 14.81 -12.53 26.80
N GLU A 87 15.77 -13.32 26.34
CA GLU A 87 16.51 -14.25 27.19
C GLU A 87 17.70 -13.57 27.85
N ILE A 88 17.40 -12.73 28.84
CA ILE A 88 18.45 -11.96 29.52
C ILE A 88 19.09 -12.81 30.61
N PRO A 89 20.42 -12.85 30.72
CA PRO A 89 21.09 -13.56 31.81
C PRO A 89 20.93 -12.83 33.13
N GLU A 90 20.58 -13.59 34.16
CA GLU A 90 20.50 -13.02 35.50
C GLU A 90 21.90 -12.92 36.11
N PRO A 91 22.20 -11.91 36.93
CA PRO A 91 23.52 -11.75 37.53
C PRO A 91 23.83 -12.83 38.56
N GLU A 92 25.12 -12.98 38.78
CA GLU A 92 25.60 -13.92 39.78
C GLU A 92 25.24 -13.40 41.18
N PRO A 93 24.86 -14.26 42.14
CA PRO A 93 24.67 -13.85 43.51
C PRO A 93 25.96 -13.33 44.15
N THR A 94 25.78 -12.47 45.15
CA THR A 94 26.94 -11.97 45.91
C THR A 94 27.63 -13.08 46.71
N GLU A 95 28.83 -12.79 47.22
CA GLU A 95 29.49 -13.69 48.15
C GLU A 95 28.64 -14.06 49.36
N ALA A 96 27.90 -13.09 49.89
CA ALA A 96 27.01 -13.36 51.00
C ALA A 96 25.80 -14.19 50.62
N ASP A 97 25.27 -13.98 49.42
CA ASP A 97 24.19 -14.83 48.90
C ASP A 97 24.69 -16.25 48.56
N ARG A 98 25.92 -16.32 48.07
CA ARG A 98 26.59 -17.59 47.85
C ARG A 98 26.85 -18.34 49.15
N ILE A 99 27.32 -17.61 50.16
CA ILE A 99 27.41 -18.10 51.53
C ILE A 99 26.06 -18.56 52.08
N ALA A 100 25.00 -17.82 51.74
CA ALA A 100 23.66 -18.16 52.20
C ALA A 100 23.19 -19.49 51.66
N ILE A 101 23.28 -19.67 50.34
CA ILE A 101 22.88 -20.95 49.76
C ILE A 101 23.82 -22.10 50.13
N GLU A 102 25.10 -21.79 50.34
CA GLU A 102 26.07 -22.72 50.92
C GLU A 102 25.69 -23.22 52.32
N ASN A 103 25.22 -22.28 53.14
CA ASN A 103 24.64 -22.60 54.45
C ASN A 103 23.31 -23.33 54.37
N GLY A 104 22.67 -23.32 53.21
CA GLY A 104 21.40 -24.00 53.00
C GLY A 104 20.21 -23.06 52.99
N ASP A 105 20.50 -21.78 53.20
CA ASP A 105 19.47 -20.78 53.40
C ASP A 105 19.03 -20.24 52.06
N GLN A 106 17.91 -19.52 52.11
CA GLN A 106 17.52 -18.70 50.99
C GLN A 106 18.35 -17.41 51.00
N PRO A 107 18.93 -17.00 49.87
CA PRO A 107 19.68 -15.76 49.78
C PRO A 107 18.80 -14.51 49.83
N LEU A 108 19.43 -13.38 50.15
CA LEU A 108 18.73 -12.09 50.21
C LEU A 108 18.44 -11.56 48.81
N SER A 109 19.45 -11.62 47.94
CA SER A 109 19.24 -11.50 46.50
C SER A 109 18.96 -10.08 46.03
N ALA A 110 19.47 -9.10 46.79
CA ALA A 110 18.97 -7.72 46.68
C ALA A 110 19.09 -7.07 45.30
N GLU A 111 20.26 -7.21 44.68
CA GLU A 111 20.46 -6.68 43.34
C GLU A 111 19.74 -7.51 42.27
N LEU A 112 19.77 -8.83 42.39
CA LEU A 112 19.00 -9.71 41.52
C LEU A 112 17.52 -9.37 41.44
N LYS A 113 16.93 -9.06 42.59
CA LYS A 113 15.55 -8.60 42.66
C LYS A 113 15.33 -7.27 41.94
N ARG A 114 16.25 -6.33 42.15
CA ARG A 114 16.10 -5.02 41.50
C ARG A 114 16.40 -5.06 40.00
N PHE A 115 17.31 -5.93 39.58
CA PHE A 115 17.60 -6.13 38.15
C PHE A 115 16.43 -6.77 37.44
N ARG A 116 15.75 -7.69 38.12
CA ARG A 116 14.50 -8.24 37.59
C ARG A 116 13.42 -7.20 37.43
N LYS A 117 13.25 -6.37 38.46
CA LYS A 117 12.26 -5.30 38.45
C LYS A 117 12.54 -4.23 37.40
N GLU A 118 13.79 -3.83 37.29
CA GLU A 118 14.13 -2.61 36.56
C GLU A 118 14.82 -2.86 35.22
N TYR A 119 15.08 -4.11 34.88
CA TYR A 119 15.66 -4.44 33.58
C TYR A 119 14.89 -5.56 32.93
N ILE A 120 14.99 -6.77 33.50
CA ILE A 120 14.44 -7.96 32.84
C ILE A 120 12.96 -7.86 32.49
N GLN A 121 12.12 -7.66 33.51
CA GLN A 121 10.69 -7.49 33.28
C GLN A 121 10.31 -6.39 32.27
N PRO A 122 10.80 -5.14 32.43
CA PRO A 122 10.67 -4.10 31.40
C PRO A 122 11.01 -4.48 29.98
N VAL A 123 12.18 -5.08 29.76
CA VAL A 123 12.53 -5.52 28.41
C VAL A 123 11.58 -6.61 27.91
N GLN A 124 11.25 -7.54 28.79
CA GLN A 124 10.42 -8.67 28.38
C GLN A 124 8.99 -8.29 28.03
N LEU A 125 8.44 -7.31 28.75
CA LEU A 125 7.12 -6.81 28.37
C LEU A 125 7.16 -5.95 27.10
N ARG A 126 8.33 -5.44 26.72
CA ARG A 126 8.44 -4.70 25.47
C ARG A 126 8.58 -5.64 24.28
N VAL A 127 9.26 -6.76 24.47
CA VAL A 127 9.26 -7.84 23.50
C VAL A 127 7.86 -8.40 23.21
N LEU A 128 7.06 -8.60 24.26
CA LEU A 128 5.70 -9.11 24.04
C LEU A 128 4.79 -8.10 23.37
N ASN A 129 5.00 -6.82 23.67
CA ASN A 129 4.37 -5.75 22.90
C ASN A 129 4.74 -5.74 21.42
N VAL A 130 6.01 -6.00 21.09
CA VAL A 130 6.43 -6.14 19.70
C VAL A 130 5.75 -7.30 19.02
N CYS A 131 5.75 -8.46 19.69
CA CYS A 131 4.97 -9.61 19.23
C CYS A 131 3.50 -9.34 18.98
N ARG A 132 2.86 -8.65 19.92
CA ARG A 132 1.47 -8.27 19.81
C ARG A 132 1.23 -7.34 18.63
N HIS A 133 2.07 -6.34 18.46
CA HIS A 133 1.95 -5.44 17.32
C HIS A 133 2.23 -6.16 16.00
N TRP A 134 3.21 -7.06 16.02
CA TRP A 134 3.53 -7.89 14.88
C TRP A 134 2.36 -8.74 14.40
N VAL A 135 1.74 -9.50 15.31
CA VAL A 135 0.63 -10.35 14.89
C VAL A 135 -0.63 -9.55 14.56
N GLU A 136 -0.83 -8.43 15.26
CA GLU A 136 -2.01 -7.61 15.08
C GLU A 136 -2.01 -6.85 13.76
N HIS A 137 -0.85 -6.29 13.38
CA HIS A 137 -0.81 -5.38 12.23
C HIS A 137 -0.08 -5.93 11.02
N HIS A 138 0.57 -7.07 11.18
CA HIS A 138 1.39 -7.64 10.12
C HIS A 138 1.21 -9.15 10.09
N PHE A 139 -0.02 -9.63 10.28
CA PHE A 139 -0.23 -11.08 10.33
C PHE A 139 0.16 -11.81 9.06
N TYR A 140 0.12 -11.09 7.93
CA TYR A 140 0.61 -11.57 6.65
C TYR A 140 1.98 -12.22 6.64
N ASP A 141 2.91 -11.78 7.51
CA ASP A 141 4.21 -12.47 7.55
C ASP A 141 4.09 -13.91 8.02
N PHE A 142 3.10 -14.15 8.88
CA PHE A 142 2.86 -15.48 9.43
C PHE A 142 1.98 -16.32 8.53
N GLU A 143 1.10 -15.66 7.77
CA GLU A 143 0.38 -16.34 6.69
C GLU A 143 1.27 -16.78 5.56
N ARG A 144 2.28 -15.97 5.28
CA ARG A 144 3.26 -16.28 4.24
C ARG A 144 4.35 -17.25 4.71
N ASP A 145 4.47 -17.47 6.01
CA ASP A 145 5.48 -18.37 6.56
C ASP A 145 4.91 -19.14 7.75
N ALA A 146 4.53 -20.39 7.49
CA ALA A 146 3.95 -21.21 8.53
C ALA A 146 4.93 -21.57 9.64
N TYR A 147 6.20 -21.75 9.27
CA TYR A 147 7.23 -22.02 10.26
C TYR A 147 7.54 -20.81 11.16
N LEU A 148 7.38 -19.59 10.63
CA LEU A 148 7.48 -18.40 11.50
C LEU A 148 6.34 -18.36 12.51
N LEU A 149 5.15 -18.74 12.06
CA LEU A 149 4.04 -18.86 13.00
C LEU A 149 4.22 -19.97 14.03
N GLN A 150 4.79 -21.09 13.60
CA GLN A 150 5.17 -22.15 14.54
C GLN A 150 6.09 -21.67 15.63
N ARG A 151 7.18 -21.02 15.21
CA ARG A 151 8.15 -20.47 16.14
C ARG A 151 7.56 -19.46 17.11
N MET A 152 6.69 -18.60 16.59
CA MET A 152 6.05 -17.58 17.42
C MET A 152 5.17 -18.20 18.48
N GLU A 153 4.34 -19.15 18.08
CA GLU A 153 3.44 -19.79 19.03
C GLU A 153 4.21 -20.63 20.05
N GLU A 154 5.25 -21.32 19.59
CA GLU A 154 6.20 -21.98 20.47
C GLU A 154 6.82 -21.06 21.51
N PHE A 155 7.38 -19.94 21.03
CA PHE A 155 7.97 -18.97 21.94
C PHE A 155 6.95 -18.41 22.93
N ILE A 156 5.79 -18.01 22.43
CA ILE A 156 4.77 -17.43 23.28
C ILE A 156 4.20 -18.42 24.31
N GLY A 157 4.09 -19.70 23.96
CA GLY A 157 3.53 -20.64 24.93
C GLY A 157 4.53 -21.13 25.97
N THR A 158 5.80 -20.85 25.72
CA THR A 158 6.87 -21.14 26.66
C THR A 158 7.28 -19.92 27.48
N VAL A 159 6.55 -18.81 27.35
CA VAL A 159 6.73 -17.69 28.25
C VAL A 159 5.93 -17.98 29.50
N ARG A 160 6.66 -18.11 30.60
CA ARG A 160 6.04 -18.36 31.89
C ARG A 160 6.07 -17.09 32.72
N GLY A 161 5.15 -17.00 33.68
CA GLY A 161 5.18 -15.92 34.66
C GLY A 161 3.89 -15.14 34.74
N LYS A 162 3.59 -14.69 35.95
CA LYS A 162 2.34 -13.99 36.25
C LYS A 162 2.16 -12.69 35.50
N ALA A 163 3.22 -11.90 35.41
CA ALA A 163 3.17 -10.64 34.66
C ALA A 163 3.11 -10.83 33.14
N MET A 164 3.55 -11.99 32.68
CA MET A 164 3.61 -12.24 31.25
C MET A 164 2.33 -12.87 30.71
N LYS A 165 1.61 -13.62 31.55
CA LYS A 165 0.53 -14.46 31.04
C LYS A 165 -0.65 -13.69 30.44
N LYS A 166 -0.90 -12.49 30.94
CA LYS A 166 -1.88 -11.59 30.34
C LYS A 166 -1.53 -11.17 28.91
N TRP A 167 -0.24 -11.00 28.65
CA TRP A 167 0.23 -10.72 27.30
C TRP A 167 0.14 -11.93 26.41
N VAL A 168 0.54 -13.07 26.96
CA VAL A 168 0.43 -14.35 26.25
C VAL A 168 -1.00 -14.65 25.81
N GLU A 169 -1.96 -14.31 26.68
CA GLU A 169 -3.36 -14.34 26.31
C GLU A 169 -3.69 -13.37 25.19
N SER A 170 -3.33 -12.10 25.36
CA SER A 170 -3.55 -11.08 24.35
C SER A 170 -3.06 -11.45 22.96
N ILE A 171 -1.86 -12.02 22.91
CA ILE A 171 -1.23 -12.43 21.66
C ILE A 171 -1.91 -13.69 21.09
N THR A 172 -2.20 -14.65 21.96
CA THR A 172 -2.83 -15.90 21.52
C THR A 172 -4.22 -15.67 20.93
N LYS A 173 -4.95 -14.75 21.56
CA LYS A 173 -6.28 -14.41 21.08
C LYS A 173 -6.27 -13.67 19.74
N ILE A 174 -5.30 -12.76 19.55
CA ILE A 174 -5.10 -12.13 18.24
C ILE A 174 -4.78 -13.17 17.16
N ILE A 175 -3.84 -14.06 17.46
CA ILE A 175 -3.52 -15.15 16.54
C ILE A 175 -4.72 -16.04 16.19
N GLN A 176 -5.60 -16.30 17.15
CA GLN A 176 -6.85 -17.01 16.87
C GLN A 176 -7.76 -16.27 15.93
N ARG A 177 -8.04 -15.00 16.24
CA ARG A 177 -8.86 -14.15 15.37
C ARG A 177 -8.36 -14.06 13.94
N LYS A 178 -7.05 -13.90 13.75
CA LYS A 178 -6.51 -13.77 12.39
C LYS A 178 -6.58 -15.08 11.62
N LYS A 179 -6.35 -16.20 12.31
CA LYS A 179 -6.52 -17.51 11.68
C LYS A 179 -7.97 -17.80 11.32
N ILE A 180 -8.89 -17.44 12.20
CA ILE A 180 -10.32 -17.58 11.92
C ILE A 180 -10.78 -16.68 10.78
N ALA A 181 -10.26 -15.46 10.75
CA ALA A 181 -10.62 -14.51 9.72
C ALA A 181 -10.13 -14.89 8.33
N ARG A 182 -8.89 -15.36 8.23
CA ARG A 182 -8.39 -15.79 6.92
C ARG A 182 -8.95 -17.13 6.48
N ASP A 183 -9.44 -17.94 7.42
CA ASP A 183 -10.25 -19.11 7.05
C ASP A 183 -11.60 -18.72 6.47
N ASN A 184 -12.26 -17.78 7.13
CA ASN A 184 -13.56 -17.32 6.68
C ASN A 184 -13.52 -16.57 5.37
N GLY A 185 -12.57 -15.64 5.27
CA GLY A 185 -12.45 -14.83 4.06
C GLY A 185 -13.10 -13.47 4.24
N PRO A 186 -13.22 -12.68 3.16
CA PRO A 186 -13.92 -11.39 3.21
C PRO A 186 -15.44 -11.55 3.33
N GLY A 187 -16.07 -10.56 3.95
CA GLY A 187 -17.53 -10.53 4.04
C GLY A 187 -18.09 -9.17 3.70
N HIS A 188 -19.41 -9.09 3.72
CA HIS A 188 -20.10 -7.82 3.50
C HIS A 188 -20.20 -7.07 4.83
N ASN A 189 -19.57 -5.90 4.89
CA ASN A 189 -19.42 -5.15 6.14
C ASN A 189 -19.67 -3.65 6.00
N ILE A 190 -20.46 -3.26 5.00
CA ILE A 190 -20.99 -1.90 4.95
C ILE A 190 -22.50 -1.99 4.72
N THR A 191 -23.23 -1.58 5.75
CA THR A 191 -24.58 -1.11 5.55
C THR A 191 -24.50 0.30 4.98
N PHE A 192 -25.35 0.56 3.99
CA PHE A 192 -25.42 1.91 3.45
C PHE A 192 -26.09 2.83 4.46
N GLN A 193 -25.42 3.95 4.70
CA GLN A 193 -25.86 4.91 5.70
C GLN A 193 -26.92 5.85 5.14
N SER A 194 -27.03 5.87 3.82
CA SER A 194 -28.09 6.55 3.09
C SER A 194 -28.50 5.68 1.93
N SER A 195 -29.52 6.08 1.20
CA SER A 195 -29.94 5.25 0.07
C SER A 195 -28.99 5.47 -1.10
N PRO A 196 -28.36 4.43 -1.68
CA PRO A 196 -27.54 4.62 -2.86
C PRO A 196 -28.42 4.87 -4.08
N PRO A 197 -27.92 5.59 -5.10
CA PRO A 197 -28.72 5.87 -6.27
C PRO A 197 -29.01 4.64 -7.09
N THR A 198 -30.09 4.71 -7.85
CA THR A 198 -30.36 3.66 -8.84
C THR A 198 -29.22 3.44 -9.85
N VAL A 199 -28.93 2.18 -10.12
CA VAL A 199 -28.01 1.78 -11.17
C VAL A 199 -28.53 2.24 -12.54
N GLU A 200 -27.60 2.76 -13.34
CA GLU A 200 -27.95 3.36 -14.61
C GLU A 200 -27.61 2.39 -15.71
N TRP A 201 -28.44 2.41 -16.74
CA TRP A 201 -28.34 1.49 -17.86
C TRP A 201 -28.57 2.27 -19.12
N HIS A 202 -27.95 1.84 -20.19
CA HIS A 202 -27.99 2.54 -21.45
C HIS A 202 -28.44 1.59 -22.54
N ILE A 203 -27.56 1.16 -23.41
CA ILE A 203 -27.93 0.23 -24.48
C ILE A 203 -27.93 -1.21 -23.97
N SER A 204 -26.88 -1.57 -23.25
CA SER A 204 -26.78 -2.94 -22.74
C SER A 204 -27.83 -3.17 -21.68
N ARG A 205 -28.50 -4.28 -21.82
CA ARG A 205 -29.52 -4.66 -20.86
C ARG A 205 -28.86 -5.36 -19.67
N PRO A 206 -29.40 -5.20 -18.45
CA PRO A 206 -28.96 -5.96 -17.28
C PRO A 206 -28.79 -7.45 -17.53
N GLY A 207 -27.62 -7.97 -17.20
CA GLY A 207 -27.38 -9.40 -17.37
C GLY A 207 -26.77 -9.77 -18.71
N HIS A 208 -26.93 -8.90 -19.70
CA HIS A 208 -26.59 -9.22 -21.09
C HIS A 208 -25.14 -8.79 -21.34
N ILE A 209 -24.28 -9.42 -20.56
CA ILE A 209 -22.86 -9.09 -20.43
C ILE A 209 -22.04 -9.13 -21.70
N GLU A 210 -22.55 -9.87 -22.67
CA GLU A 210 -21.91 -10.05 -23.97
C GLU A 210 -21.93 -8.78 -24.82
N THR A 211 -22.86 -7.89 -24.48
CA THR A 211 -22.95 -6.60 -25.15
C THR A 211 -22.21 -5.49 -24.39
N PHE A 212 -21.63 -5.78 -23.23
CA PHE A 212 -21.00 -4.74 -22.41
C PHE A 212 -19.77 -4.21 -23.09
N ASP A 213 -19.71 -2.89 -23.16
CA ASP A 213 -18.64 -2.19 -23.85
C ASP A 213 -18.62 -0.72 -23.40
N LEU A 214 -17.67 0.04 -23.94
CA LEU A 214 -17.49 1.44 -23.54
C LEU A 214 -18.72 2.29 -23.80
N LEU A 215 -19.26 2.17 -25.00
CA LEU A 215 -20.40 2.97 -25.40
C LEU A 215 -21.76 2.37 -25.07
N THR A 216 -21.81 1.14 -24.59
CA THR A 216 -23.10 0.44 -24.40
C THR A 216 -23.54 0.37 -22.95
N LEU A 217 -22.58 0.37 -22.02
CA LEU A 217 -22.93 0.65 -20.62
C LEU A 217 -23.19 2.14 -20.47
N HIS A 218 -23.81 2.52 -19.36
CA HIS A 218 -24.06 3.93 -19.14
C HIS A 218 -22.80 4.59 -18.59
N PRO A 219 -22.39 5.78 -19.08
CA PRO A 219 -21.17 6.44 -18.59
C PRO A 219 -21.15 6.71 -17.10
N ILE A 220 -22.30 7.02 -16.53
CA ILE A 220 -22.35 7.16 -15.08
C ILE A 220 -22.00 5.86 -14.36
N GLU A 221 -22.49 4.74 -14.90
CA GLU A 221 -22.31 3.48 -14.19
C GLU A 221 -20.93 2.91 -14.38
N ILE A 222 -20.33 3.12 -15.56
CA ILE A 222 -18.90 2.86 -15.75
C ILE A 222 -18.08 3.57 -14.69
N ALA A 223 -18.32 4.87 -14.57
CA ALA A 223 -17.57 5.66 -13.60
C ALA A 223 -17.81 5.25 -12.16
N ARG A 224 -19.05 4.90 -11.82
CA ARG A 224 -19.33 4.42 -10.47
C ARG A 224 -18.70 3.05 -10.17
N GLN A 225 -18.82 2.13 -11.11
CA GLN A 225 -18.30 0.78 -10.88
C GLN A 225 -16.78 0.74 -10.88
N LEU A 226 -16.15 1.57 -11.73
CA LEU A 226 -14.69 1.69 -11.67
C LEU A 226 -14.21 2.35 -10.39
N THR A 227 -15.03 3.25 -9.85
CA THR A 227 -14.71 3.89 -8.59
C THR A 227 -14.83 2.95 -7.40
N LEU A 228 -15.86 2.11 -7.39
CA LEU A 228 -15.98 1.09 -6.35
C LEU A 228 -14.82 0.10 -6.38
N LEU A 229 -14.51 -0.37 -7.59
CA LEU A 229 -13.36 -1.23 -7.82
C LEU A 229 -12.04 -0.56 -7.37
N GLU A 230 -11.78 0.66 -7.83
CA GLU A 230 -10.52 1.33 -7.47
C GLU A 230 -10.43 1.71 -6.00
N SER A 231 -11.56 2.06 -5.41
CA SER A 231 -11.63 2.24 -3.98
C SER A 231 -11.22 0.97 -3.23
N ASP A 232 -11.76 -0.19 -3.61
CA ASP A 232 -11.34 -1.42 -2.92
C ASP A 232 -9.88 -1.73 -3.13
N LEU A 233 -9.39 -1.55 -4.36
CA LEU A 233 -7.97 -1.81 -4.61
C LEU A 233 -7.06 -0.90 -3.81
N TYR A 234 -7.43 0.37 -3.72
CA TYR A 234 -6.68 1.35 -2.93
C TYR A 234 -6.63 0.98 -1.45
N ARG A 235 -7.78 0.55 -0.96
CA ARG A 235 -7.96 0.23 0.44
C ARG A 235 -7.23 -1.04 0.85
N ALA A 236 -7.04 -1.95 -0.10
CA ALA A 236 -6.32 -3.19 0.20
C ALA A 236 -4.81 -3.08 0.29
N VAL A 237 -4.19 -1.96 -0.08
CA VAL A 237 -2.72 -1.89 -0.04
C VAL A 237 -2.23 -1.72 1.41
N GLN A 238 -1.30 -2.59 1.79
CA GLN A 238 -0.63 -2.53 3.08
C GLN A 238 0.69 -1.80 2.91
N PRO A 239 1.12 -0.96 3.87
CA PRO A 239 2.37 -0.21 3.79
C PRO A 239 3.63 -0.97 3.42
N SER A 240 3.85 -2.12 4.03
CA SER A 240 5.06 -2.89 3.72
C SER A 240 5.22 -3.31 2.27
N GLU A 241 4.11 -3.40 1.53
CA GLU A 241 4.16 -3.62 0.09
C GLU A 241 4.93 -2.56 -0.69
N LEU A 242 5.14 -1.39 -0.08
CA LEU A 242 5.78 -0.26 -0.74
C LEU A 242 7.19 -0.02 -0.23
N VAL A 243 7.58 -0.68 0.84
CA VAL A 243 8.89 -0.36 1.42
C VAL A 243 9.96 -1.14 0.67
N GLY A 244 11.09 -0.48 0.40
CA GLY A 244 12.23 -1.20 -0.15
C GLY A 244 12.16 -1.42 -1.64
N SER A 245 11.14 -0.84 -2.27
CA SER A 245 10.87 -1.12 -3.68
C SER A 245 10.52 -2.59 -3.93
N VAL A 246 9.92 -3.26 -2.94
CA VAL A 246 9.68 -4.70 -3.04
C VAL A 246 8.82 -5.16 -4.20
N TRP A 247 7.99 -4.25 -4.70
CA TRP A 247 7.14 -4.58 -5.85
C TRP A 247 7.89 -4.61 -7.18
N THR A 248 9.15 -4.16 -7.17
CA THR A 248 10.01 -4.23 -8.35
C THR A 248 11.00 -5.41 -8.26
N LYS A 249 11.09 -6.06 -7.11
CA LYS A 249 12.06 -7.13 -6.88
C LYS A 249 11.48 -8.49 -7.25
N GLU A 250 12.30 -9.53 -7.14
CA GLU A 250 11.89 -10.85 -7.64
C GLU A 250 10.74 -11.50 -6.90
N ASP A 251 10.58 -11.19 -5.62
CA ASP A 251 9.47 -11.76 -4.85
C ASP A 251 8.26 -10.83 -4.80
N LYS A 252 8.15 -9.95 -5.79
CA LYS A 252 7.07 -8.97 -5.88
C LYS A 252 5.67 -9.52 -5.71
N GLU A 253 5.43 -10.70 -6.30
CA GLU A 253 4.09 -11.28 -6.23
C GLU A 253 3.69 -11.72 -4.83
N ILE A 254 4.68 -12.01 -3.99
CA ILE A 254 4.42 -12.39 -2.61
C ILE A 254 4.39 -11.16 -1.73
N ASN A 255 5.36 -10.26 -1.93
CA ASN A 255 5.47 -9.14 -1.00
C ASN A 255 4.52 -8.00 -1.31
N SER A 256 4.06 -7.91 -2.56
CA SER A 256 3.31 -6.74 -3.01
C SER A 256 2.00 -7.07 -3.74
N PRO A 257 1.16 -8.01 -3.29
CA PRO A 257 0.03 -8.49 -4.10
C PRO A 257 -1.05 -7.46 -4.39
N ASN A 258 -1.38 -6.66 -3.39
CA ASN A 258 -2.44 -5.67 -3.53
C ASN A 258 -1.96 -4.46 -4.31
N LEU A 259 -0.73 -4.04 -4.02
CA LEU A 259 -0.06 -3.03 -4.80
C LEU A 259 -0.03 -3.36 -6.30
N LEU A 260 0.37 -4.59 -6.61
CA LEU A 260 0.45 -4.98 -8.02
C LEU A 260 -0.89 -5.10 -8.71
N LYS A 261 -1.91 -5.54 -7.96
CA LYS A 261 -3.29 -5.46 -8.42
C LYS A 261 -3.74 -4.03 -8.79
N MET A 262 -3.42 -3.05 -7.94
CA MET A 262 -3.66 -1.62 -8.24
C MET A 262 -2.93 -1.16 -9.50
N ILE A 263 -1.63 -1.46 -9.59
CA ILE A 263 -0.81 -1.04 -10.74
C ILE A 263 -1.27 -1.65 -12.06
N ARG A 264 -1.60 -2.94 -12.01
CA ARG A 264 -2.02 -3.64 -13.23
C ARG A 264 -3.43 -3.23 -13.65
N HIS A 265 -4.27 -2.92 -12.66
CA HIS A 265 -5.57 -2.34 -12.99
C HIS A 265 -5.42 -1.01 -13.73
N THR A 266 -4.54 -0.16 -13.22
CA THR A 266 -4.31 1.15 -13.83
C THR A 266 -3.79 1.03 -15.25
N THR A 267 -2.82 0.13 -15.43
CA THR A 267 -2.27 -0.17 -16.75
C THR A 267 -3.33 -0.68 -17.71
N ASN A 268 -4.14 -1.65 -17.25
CA ASN A 268 -5.19 -2.23 -18.08
C ASN A 268 -6.32 -1.26 -18.38
N LEU A 269 -6.71 -0.42 -17.42
CA LEU A 269 -7.79 0.53 -17.74
C LEU A 269 -7.31 1.60 -18.71
N THR A 270 -6.09 2.09 -18.46
CA THR A 270 -5.53 3.15 -19.32
C THR A 270 -5.36 2.66 -20.74
N LEU A 271 -4.79 1.47 -20.90
CA LEU A 271 -4.57 0.91 -22.23
C LEU A 271 -5.85 0.49 -22.91
N TRP A 272 -6.87 0.13 -22.13
CA TRP A 272 -8.16 -0.17 -22.70
C TRP A 272 -8.82 1.10 -23.26
N PHE A 273 -8.67 2.23 -22.57
CA PHE A 273 -9.16 3.50 -23.13
C PHE A 273 -8.47 3.83 -24.44
N GLU A 274 -7.14 3.75 -24.45
CA GLU A 274 -6.39 3.92 -25.70
C GLU A 274 -6.79 2.98 -26.83
N LYS A 275 -7.03 1.72 -26.48
CA LYS A 275 -7.48 0.73 -27.46
C LYS A 275 -8.85 1.01 -28.07
N CYS A 276 -9.80 1.35 -27.21
CA CYS A 276 -11.11 1.80 -27.68
C CYS A 276 -11.04 2.97 -28.65
N ILE A 277 -10.15 3.91 -28.36
CA ILE A 277 -9.99 5.06 -29.23
C ILE A 277 -9.40 4.66 -30.58
N VAL A 278 -8.21 4.06 -30.56
CA VAL A 278 -7.51 3.92 -31.85
C VAL A 278 -8.01 2.77 -32.71
N GLU A 279 -8.72 1.83 -32.10
CA GLU A 279 -9.35 0.77 -32.90
C GLU A 279 -10.70 1.19 -33.46
N THR A 280 -11.21 2.35 -33.07
CA THR A 280 -12.35 2.91 -33.76
C THR A 280 -11.81 3.78 -34.88
N GLU A 281 -11.81 3.26 -36.09
CA GLU A 281 -11.12 3.95 -37.18
C GLU A 281 -11.94 5.04 -37.84
N ASN A 282 -13.25 4.91 -37.75
CA ASN A 282 -14.13 5.95 -38.28
C ASN A 282 -14.07 7.15 -37.36
N LEU A 283 -13.80 8.31 -37.98
CA LEU A 283 -13.58 9.55 -37.22
C LEU A 283 -14.72 9.90 -36.29
N GLU A 284 -15.93 9.85 -36.83
CA GLU A 284 -17.09 10.30 -36.10
C GLU A 284 -17.39 9.39 -34.93
N GLU A 285 -17.24 8.08 -35.15
CA GLU A 285 -17.34 7.14 -34.03
C GLU A 285 -16.25 7.35 -33.01
N ARG A 286 -15.05 7.65 -33.50
CA ARG A 286 -13.92 7.86 -32.62
C ARG A 286 -14.05 9.12 -31.77
N VAL A 287 -14.69 10.14 -32.34
CA VAL A 287 -15.07 11.31 -31.57
C VAL A 287 -16.07 10.97 -30.49
N ALA A 288 -17.07 10.14 -30.81
CA ALA A 288 -18.02 9.71 -29.79
C ALA A 288 -17.40 8.89 -28.67
N VAL A 289 -16.39 8.10 -29.01
CA VAL A 289 -15.63 7.36 -28.00
C VAL A 289 -14.83 8.29 -27.08
N VAL A 290 -14.02 9.18 -27.65
CA VAL A 290 -13.28 10.13 -26.84
C VAL A 290 -14.21 10.97 -25.98
N SER A 291 -15.32 11.41 -26.57
CA SER A 291 -16.31 12.16 -25.82
C SER A 291 -16.92 11.37 -24.66
N ARG A 292 -17.18 10.08 -24.88
CA ARG A 292 -17.68 9.25 -23.79
C ARG A 292 -16.67 9.07 -22.65
N ILE A 293 -15.40 8.93 -23.04
CA ILE A 293 -14.36 8.84 -22.01
C ILE A 293 -14.23 10.15 -21.20
N ILE A 294 -14.39 11.30 -21.84
CA ILE A 294 -14.36 12.57 -21.06
C ILE A 294 -15.57 12.70 -20.16
N GLU A 295 -16.73 12.20 -20.60
CA GLU A 295 -17.88 12.06 -19.70
C GLU A 295 -17.63 11.18 -18.49
N ILE A 296 -16.98 10.04 -18.70
CA ILE A 296 -16.57 9.20 -17.56
C ILE A 296 -15.61 9.93 -16.61
N LEU A 297 -14.62 10.63 -17.20
CA LEU A 297 -13.78 11.55 -16.40
C LEU A 297 -14.58 12.53 -15.59
N GLN A 298 -15.55 13.17 -16.24
CA GLN A 298 -16.39 14.14 -15.54
C GLN A 298 -17.08 13.52 -14.32
N VAL A 299 -17.58 12.29 -14.47
CA VAL A 299 -18.19 11.61 -13.32
C VAL A 299 -17.13 11.18 -12.30
N PHE A 300 -15.95 10.75 -12.74
CA PHE A 300 -14.86 10.52 -11.77
C PHE A 300 -14.55 11.74 -10.91
N GLN A 301 -14.56 12.92 -11.53
CA GLN A 301 -14.29 14.11 -10.76
C GLN A 301 -15.43 14.47 -9.79
N GLU A 302 -16.68 14.25 -10.21
CA GLU A 302 -17.81 14.40 -9.30
C GLU A 302 -17.77 13.45 -8.11
N LEU A 303 -17.25 12.25 -8.32
CA LEU A 303 -17.06 11.31 -7.23
C LEU A 303 -15.76 11.54 -6.45
N ASN A 304 -14.92 12.49 -6.89
CA ASN A 304 -13.56 12.62 -6.35
C ASN A 304 -12.72 11.35 -6.43
N ASN A 305 -12.93 10.60 -7.52
CA ASN A 305 -12.02 9.52 -7.83
C ASN A 305 -10.88 10.11 -8.66
N PHE A 306 -9.89 10.64 -7.95
CA PHE A 306 -8.75 11.26 -8.61
C PHE A 306 -7.89 10.27 -9.33
N ASN A 307 -7.87 9.04 -8.82
CA ASN A 307 -7.23 7.95 -9.51
C ASN A 307 -7.77 7.73 -10.90
N GLY A 308 -9.10 7.70 -11.01
CA GLY A 308 -9.71 7.56 -12.32
C GLY A 308 -9.59 8.77 -13.23
N VAL A 309 -9.67 9.97 -12.67
CA VAL A 309 -9.39 11.18 -13.47
C VAL A 309 -8.02 11.13 -14.19
N LEU A 310 -6.99 10.81 -13.43
CA LEU A 310 -5.63 10.80 -13.98
C LEU A 310 -5.32 9.55 -14.81
N GLU A 311 -6.10 8.48 -14.67
CA GLU A 311 -6.06 7.41 -15.68
C GLU A 311 -6.63 7.86 -17.02
N VAL A 312 -7.70 8.65 -16.99
CA VAL A 312 -8.20 9.19 -18.25
C VAL A 312 -7.18 10.19 -18.84
N VAL A 313 -6.60 11.02 -17.98
CA VAL A 313 -5.61 11.99 -18.46
C VAL A 313 -4.41 11.32 -19.11
N SER A 314 -3.90 10.27 -18.46
CA SER A 314 -2.81 9.46 -18.96
C SER A 314 -3.11 8.86 -20.34
N ALA A 315 -4.33 8.36 -20.52
CA ALA A 315 -4.76 7.87 -21.81
C ALA A 315 -4.87 8.97 -22.86
N MET A 316 -5.37 10.14 -22.50
CA MET A 316 -5.51 11.24 -23.45
C MET A 316 -4.16 11.89 -23.81
N ASN A 317 -3.21 11.80 -22.89
CA ASN A 317 -1.84 12.26 -23.14
C ASN A 317 -0.95 11.23 -23.76
N SER A 318 -1.45 10.02 -23.99
CA SER A 318 -0.60 8.96 -24.54
C SER A 318 -0.18 9.22 -25.98
N SER A 319 0.98 8.68 -26.34
CA SER A 319 1.48 8.66 -27.73
C SER A 319 0.45 8.40 -28.83
N PRO A 320 -0.27 7.27 -28.83
CA PRO A 320 -1.30 7.03 -29.83
C PRO A 320 -2.48 8.00 -29.82
N VAL A 321 -2.85 8.54 -28.65
CA VAL A 321 -4.10 9.31 -28.58
C VAL A 321 -3.85 10.80 -28.75
N TYR A 322 -2.81 11.33 -28.11
CA TYR A 322 -2.60 12.78 -28.09
C TYR A 322 -2.41 13.41 -29.47
N ARG A 323 -1.90 12.63 -30.40
CA ARG A 323 -1.69 13.13 -31.75
C ARG A 323 -2.95 13.17 -32.62
N LEU A 324 -4.11 12.79 -32.10
CA LEU A 324 -5.30 12.67 -32.96
C LEU A 324 -6.05 14.00 -33.06
N ASP A 325 -5.41 14.95 -33.73
CA ASP A 325 -5.92 16.32 -33.85
C ASP A 325 -7.31 16.44 -34.47
N HIS A 326 -7.58 15.58 -35.46
CA HIS A 326 -8.87 15.64 -36.15
C HIS A 326 -9.98 15.14 -35.26
N THR A 327 -9.64 14.24 -34.33
CA THR A 327 -10.62 13.76 -33.39
C THR A 327 -10.91 14.83 -32.35
N PHE A 328 -9.84 15.37 -31.76
CA PHE A 328 -10.02 16.38 -30.72
C PHE A 328 -10.62 17.66 -31.23
N GLU A 329 -10.44 17.99 -32.52
CA GLU A 329 -11.10 19.16 -33.11
C GLU A 329 -12.62 19.18 -32.93
N GLN A 330 -13.20 17.98 -33.00
CA GLN A 330 -14.65 17.86 -32.92
C GLN A 330 -15.16 17.73 -31.49
N ILE A 331 -14.28 17.52 -30.52
CA ILE A 331 -14.75 17.47 -29.12
C ILE A 331 -15.25 18.85 -28.72
N PRO A 332 -16.47 18.97 -28.18
CA PRO A 332 -17.00 20.27 -27.74
C PRO A 332 -16.07 21.01 -26.80
N SER A 333 -16.00 22.30 -27.00
CA SER A 333 -15.18 23.19 -26.18
C SER A 333 -15.30 23.00 -24.67
N ARG A 334 -16.52 22.76 -24.18
CA ARG A 334 -16.67 22.53 -22.76
C ARG A 334 -16.09 21.19 -22.29
N GLN A 335 -15.95 20.21 -23.18
CA GLN A 335 -15.31 18.95 -22.82
C GLN A 335 -13.79 19.07 -22.90
N LYS A 336 -13.31 19.86 -23.86
CA LYS A 336 -11.91 20.28 -23.84
C LYS A 336 -11.51 20.96 -22.54
N LYS A 337 -12.37 21.85 -22.03
CA LYS A 337 -12.09 22.52 -20.77
C LYS A 337 -12.03 21.56 -19.59
N ILE A 338 -12.97 20.61 -19.51
CA ILE A 338 -12.90 19.53 -18.51
C ILE A 338 -11.57 18.77 -18.55
N LEU A 339 -11.13 18.46 -19.76
CA LEU A 339 -9.92 17.68 -19.90
C LEU A 339 -8.69 18.51 -19.56
N GLU A 340 -8.70 19.80 -19.91
CA GLU A 340 -7.63 20.74 -19.54
C GLU A 340 -7.48 20.92 -18.05
N GLU A 341 -8.61 21.14 -17.38
CA GLU A 341 -8.61 21.23 -15.93
C GLU A 341 -8.08 19.98 -15.23
N ALA A 342 -8.38 18.81 -15.80
CA ALA A 342 -7.93 17.55 -15.21
C ALA A 342 -6.42 17.41 -15.33
N HIS A 343 -5.91 17.76 -16.49
CA HIS A 343 -4.47 17.85 -16.68
C HIS A 343 -3.78 18.83 -15.73
N GLU A 344 -4.42 19.97 -15.51
CA GLU A 344 -3.82 20.99 -14.63
C GLU A 344 -3.74 20.56 -13.17
N LEU A 345 -4.47 19.52 -12.77
CA LEU A 345 -4.23 18.88 -11.47
C LEU A 345 -2.78 18.43 -11.27
N SER A 346 -2.18 17.96 -12.35
CA SER A 346 -0.85 17.37 -12.31
C SER A 346 0.29 18.38 -12.43
N GLU A 347 -0.02 19.57 -12.91
CA GLU A 347 1.00 20.56 -13.20
C GLU A 347 1.67 21.06 -11.94
N ASP A 348 2.95 21.38 -12.09
CA ASP A 348 3.72 21.99 -11.02
C ASP A 348 3.82 21.04 -9.84
N HIS A 349 4.20 19.80 -10.11
CA HIS A 349 4.34 18.81 -9.05
C HIS A 349 3.01 18.57 -8.33
N TYR A 350 1.92 18.53 -9.09
CA TYR A 350 0.65 18.10 -8.52
C TYR A 350 0.03 19.10 -7.54
N LYS A 351 0.37 20.38 -7.72
CA LYS A 351 -0.05 21.40 -6.77
C LYS A 351 -1.56 21.47 -6.54
N LYS A 352 -2.30 21.65 -7.63
CA LYS A 352 -3.76 21.73 -7.50
C LYS A 352 -4.38 20.41 -7.06
N TYR A 353 -3.82 19.28 -7.51
CA TYR A 353 -4.25 17.97 -7.00
C TYR A 353 -4.15 17.87 -5.49
N LEU A 354 -2.98 18.18 -4.96
CA LEU A 354 -2.74 18.06 -3.54
C LEU A 354 -3.64 18.99 -2.73
N ALA A 355 -3.84 20.20 -3.25
CA ALA A 355 -4.72 21.16 -2.59
C ALA A 355 -6.17 20.69 -2.55
N LYS A 356 -6.65 20.16 -3.66
CA LYS A 356 -7.99 19.61 -3.70
C LYS A 356 -8.12 18.38 -2.80
N LEU A 357 -7.15 17.47 -2.87
CA LEU A 357 -7.16 16.27 -2.01
C LEU A 357 -7.35 16.56 -0.53
N ARG A 358 -6.60 17.55 -0.08
CA ARG A 358 -6.60 17.90 1.33
C ARG A 358 -7.78 18.77 1.75
N SER A 359 -8.59 19.26 0.81
CA SER A 359 -9.72 20.11 1.15
C SER A 359 -11.08 19.45 1.00
N ILE A 360 -11.19 18.37 0.23
CA ILE A 360 -12.51 17.76 0.06
C ILE A 360 -12.93 16.98 1.30
N ASN A 361 -14.23 16.74 1.41
CA ASN A 361 -14.70 15.74 2.37
C ASN A 361 -14.76 14.36 1.72
N PRO A 362 -14.71 13.26 2.49
CA PRO A 362 -14.93 11.92 1.97
C PRO A 362 -16.25 11.74 1.20
N PRO A 363 -16.38 10.70 0.38
CA PRO A 363 -15.33 9.75 0.02
C PRO A 363 -14.49 10.23 -1.16
N CYS A 364 -13.29 9.68 -1.28
CA CYS A 364 -12.47 9.90 -2.46
C CYS A 364 -11.69 8.64 -2.80
N VAL A 365 -11.04 8.65 -3.95
CA VAL A 365 -9.95 7.72 -4.23
C VAL A 365 -8.75 8.58 -4.62
N PRO A 366 -7.71 8.68 -3.78
CA PRO A 366 -6.49 9.38 -4.16
C PRO A 366 -5.83 8.80 -5.39
N PHE A 367 -5.09 9.66 -6.08
CA PHE A 367 -4.24 9.19 -7.16
C PHE A 367 -3.08 8.37 -6.59
N PHE A 368 -3.00 7.14 -7.03
CA PHE A 368 -2.08 6.25 -6.38
C PHE A 368 -0.65 6.41 -6.89
N GLY A 369 -0.52 6.72 -8.18
CA GLY A 369 0.77 6.84 -8.82
C GLY A 369 1.75 7.84 -8.23
N ILE A 370 1.23 8.94 -7.71
CA ILE A 370 2.11 9.91 -7.04
C ILE A 370 2.82 9.34 -5.81
N TYR A 371 2.14 8.46 -5.07
CA TYR A 371 2.81 7.86 -3.92
C TYR A 371 3.95 6.94 -4.33
N LEU A 372 3.75 6.18 -5.41
CA LEU A 372 4.83 5.36 -5.94
C LEU A 372 6.04 6.14 -6.42
N THR A 373 5.74 7.20 -7.15
CA THR A 373 6.77 8.13 -7.61
C THR A 373 7.58 8.70 -6.45
N ASN A 374 6.88 9.17 -5.42
CA ASN A 374 7.58 9.76 -4.28
C ASN A 374 8.35 8.74 -3.45
N ILE A 375 7.81 7.52 -3.35
CA ILE A 375 8.53 6.47 -2.63
C ILE A 375 9.77 6.07 -3.40
N LEU A 376 9.65 5.83 -4.71
CA LEU A 376 10.85 5.60 -5.53
C LEU A 376 11.90 6.68 -5.45
N LYS A 377 11.49 7.95 -5.44
CA LYS A 377 12.45 9.04 -5.20
C LYS A 377 13.18 8.98 -3.86
N THR A 378 12.43 8.65 -2.81
CA THR A 378 12.99 8.45 -1.50
C THR A 378 13.94 7.25 -1.45
N GLU A 379 13.55 6.16 -2.11
CA GLU A 379 14.38 4.96 -2.14
C GLU A 379 15.68 5.20 -2.89
N GLU A 380 15.59 5.87 -4.03
CA GLU A 380 16.75 6.13 -4.86
C GLU A 380 17.60 7.29 -4.37
N GLY A 381 17.03 8.16 -3.53
CA GLY A 381 17.71 9.41 -3.15
C GLY A 381 18.32 9.36 -1.77
N ASN A 382 18.26 8.21 -1.12
CA ASN A 382 18.75 8.03 0.24
C ASN A 382 19.57 6.74 0.28
N PRO A 383 20.71 6.72 0.96
CA PRO A 383 21.53 5.50 1.01
C PRO A 383 20.93 4.45 1.96
N GLU A 384 21.10 3.18 1.61
CA GLU A 384 20.71 2.07 2.49
C GLU A 384 21.42 2.07 3.83
N VAL A 385 22.70 2.46 3.81
CA VAL A 385 23.52 2.51 5.01
C VAL A 385 24.22 3.85 5.13
N LEU A 386 24.48 4.20 6.38
CA LEU A 386 25.33 5.30 6.75
C LEU A 386 26.65 4.73 7.25
N LYS A 387 27.74 5.32 6.80
CA LYS A 387 29.06 4.86 7.23
C LYS A 387 29.54 5.76 8.34
N ARG A 388 29.93 5.20 9.47
CA ARG A 388 30.56 5.95 10.55
C ARG A 388 31.70 5.15 11.07
N HIS A 389 32.91 5.70 11.00
CA HIS A 389 34.10 5.08 11.62
C HIS A 389 34.48 3.73 11.04
N GLY A 390 34.08 3.52 9.79
CA GLY A 390 34.33 2.22 9.16
C GLY A 390 33.20 1.22 9.31
N LYS A 391 32.17 1.57 10.07
CA LYS A 391 31.05 0.65 10.32
C LYS A 391 29.85 1.13 9.50
N GLU A 392 29.07 0.17 9.03
CA GLU A 392 27.84 0.49 8.31
C GLU A 392 26.65 0.34 9.24
N LEU A 393 25.91 1.43 9.36
CA LEU A 393 24.68 1.43 10.14
C LEU A 393 23.53 1.46 9.14
N ILE A 394 22.46 0.75 9.46
CA ILE A 394 21.20 0.81 8.69
C ILE A 394 20.63 2.21 8.75
N ASN A 395 20.32 2.78 7.59
CA ASN A 395 19.72 4.12 7.58
C ASN A 395 18.24 4.00 7.90
N PHE A 396 17.91 4.24 9.17
CA PHE A 396 16.53 4.12 9.60
C PHE A 396 15.67 5.33 9.25
N SER A 397 16.25 6.53 9.22
CA SER A 397 15.58 7.71 8.66
C SER A 397 15.03 7.52 7.26
N LYS A 398 15.76 6.78 6.41
CA LYS A 398 15.25 6.42 5.09
C LYS A 398 13.94 5.63 5.14
N ARG A 399 13.85 4.71 6.11
CA ARG A 399 12.65 3.89 6.22
C ARG A 399 11.52 4.66 6.85
N ARG A 400 11.85 5.49 7.83
CA ARG A 400 10.84 6.37 8.40
C ARG A 400 10.22 7.31 7.37
N LYS A 401 11.03 7.89 6.50
CA LYS A 401 10.48 8.75 5.44
C LYS A 401 9.55 8.01 4.48
N VAL A 402 9.90 6.77 4.11
CA VAL A 402 8.93 5.95 3.37
C VAL A 402 7.66 5.65 4.17
N ALA A 403 7.80 5.32 5.45
CA ALA A 403 6.67 4.97 6.30
C ALA A 403 5.69 6.12 6.48
N GLU A 404 6.22 7.33 6.50
CA GLU A 404 5.40 8.54 6.54
C GLU A 404 4.57 8.71 5.27
N ILE A 405 5.12 8.37 4.10
CA ILE A 405 4.34 8.42 2.87
C ILE A 405 3.25 7.35 2.87
N THR A 406 3.60 6.14 3.31
CA THR A 406 2.56 5.11 3.47
C THR A 406 1.48 5.49 4.49
N GLY A 407 1.86 6.29 5.50
CA GLY A 407 0.83 6.77 6.42
C GLY A 407 -0.11 7.80 5.82
N GLU A 408 0.35 8.54 4.80
CA GLU A 408 -0.57 9.40 4.07
C GLU A 408 -1.56 8.60 3.26
N ILE A 409 -1.08 7.52 2.64
CA ILE A 409 -1.95 6.57 1.95
C ILE A 409 -3.08 6.08 2.86
N GLN A 410 -2.66 5.62 4.04
CA GLN A 410 -3.57 4.99 4.98
C GLN A 410 -4.69 5.89 5.47
N GLN A 411 -4.40 7.19 5.54
CA GLN A 411 -5.40 8.13 6.04
C GLN A 411 -6.64 8.25 5.17
N TYR A 412 -6.55 7.79 3.91
CA TYR A 412 -7.69 7.85 2.99
C TYR A 412 -8.31 6.48 2.74
N GLN A 413 -7.87 5.43 3.43
CA GLN A 413 -8.32 4.05 3.13
C GLN A 413 -9.63 3.65 3.81
N ASN A 414 -10.34 4.64 4.29
CA ASN A 414 -11.43 4.49 5.23
C ASN A 414 -12.68 5.21 4.72
N GLN A 415 -12.85 5.18 3.40
CA GLN A 415 -13.84 6.04 2.75
C GLN A 415 -14.71 5.24 1.79
N PRO A 416 -15.65 4.44 2.28
CA PRO A 416 -16.58 3.74 1.40
C PRO A 416 -17.55 4.68 0.72
N TYR A 417 -17.92 4.32 -0.49
CA TYR A 417 -18.84 5.07 -1.32
C TYR A 417 -20.25 4.57 -1.07
N CYS A 418 -21.20 5.50 -1.16
CA CYS A 418 -22.59 5.12 -1.10
C CYS A 418 -23.09 4.81 -2.51
N LEU A 419 -22.59 3.69 -3.02
CA LEU A 419 -22.90 3.26 -4.36
C LEU A 419 -23.12 1.76 -4.32
N ARG A 420 -24.08 1.30 -5.10
CA ARG A 420 -24.36 -0.12 -5.18
C ARG A 420 -23.48 -0.78 -6.22
N VAL A 421 -22.89 -1.91 -5.85
CA VAL A 421 -22.17 -2.75 -6.78
C VAL A 421 -23.11 -3.40 -7.80
N GLU A 422 -22.70 -3.38 -9.06
CA GLU A 422 -23.33 -4.17 -10.09
C GLU A 422 -22.31 -5.23 -10.46
N SER A 423 -22.59 -6.46 -10.02
CA SER A 423 -21.64 -7.57 -10.09
C SER A 423 -21.08 -7.90 -11.48
N ASP A 424 -21.94 -7.80 -12.48
CA ASP A 424 -21.49 -8.08 -13.84
C ASP A 424 -20.59 -6.97 -14.42
N ILE A 425 -20.91 -5.71 -14.15
CA ILE A 425 -20.09 -4.57 -14.63
C ILE A 425 -18.75 -4.56 -13.92
N LYS A 426 -18.79 -4.81 -12.60
CA LYS A 426 -17.59 -5.08 -11.82
C LYS A 426 -16.68 -6.12 -12.44
N ARG A 427 -17.26 -7.28 -12.74
CA ARG A 427 -16.50 -8.36 -13.34
C ARG A 427 -15.99 -8.02 -14.74
N PHE A 428 -16.80 -7.31 -15.53
CA PHE A 428 -16.31 -6.77 -16.80
C PHE A 428 -15.06 -5.91 -16.65
N PHE A 429 -15.03 -5.02 -15.65
CA PHE A 429 -13.83 -4.19 -15.45
C PHE A 429 -12.69 -4.92 -14.76
N GLU A 430 -13.00 -5.87 -13.87
CA GLU A 430 -11.94 -6.72 -13.32
C GLU A 430 -11.25 -7.56 -14.37
N ASN A 431 -11.98 -7.96 -15.40
CA ASN A 431 -11.43 -8.83 -16.43
C ASN A 431 -10.94 -8.09 -17.67
N LEU A 432 -10.76 -6.77 -17.60
CA LEU A 432 -10.12 -6.08 -18.71
C LEU A 432 -8.75 -6.64 -19.01
N ASN A 433 -8.54 -6.95 -20.28
CA ASN A 433 -7.25 -7.41 -20.73
C ASN A 433 -7.03 -6.87 -22.13
N PRO A 434 -6.77 -5.57 -22.29
CA PRO A 434 -6.50 -5.01 -23.60
C PRO A 434 -5.28 -5.53 -24.32
N MET A 435 -4.24 -5.88 -23.57
CA MET A 435 -3.02 -6.38 -24.19
C MET A 435 -3.15 -7.81 -24.72
N GLY A 436 -4.16 -8.56 -24.26
CA GLY A 436 -4.26 -9.94 -24.65
C GLY A 436 -3.13 -10.80 -24.10
N ASN A 437 -2.43 -11.45 -25.01
CA ASN A 437 -1.20 -12.19 -24.71
C ASN A 437 0.01 -11.44 -25.28
N SER A 438 -0.16 -10.17 -25.62
CA SER A 438 0.96 -9.35 -26.02
C SER A 438 1.66 -8.78 -24.79
N MET A 439 2.96 -8.52 -24.93
CA MET A 439 3.69 -7.73 -23.93
C MET A 439 3.38 -6.25 -24.14
N GLU A 440 3.44 -5.47 -23.06
CA GLU A 440 3.16 -4.03 -23.08
C GLU A 440 3.81 -3.24 -24.20
N LYS A 441 5.12 -3.44 -24.39
CA LYS A 441 5.83 -2.67 -25.41
C LYS A 441 5.32 -2.94 -26.82
N GLU A 442 5.10 -4.22 -27.09
CA GLU A 442 4.52 -4.67 -28.35
C GLU A 442 3.10 -4.15 -28.55
N PHE A 443 2.31 -4.16 -27.47
CA PHE A 443 0.95 -3.64 -27.55
C PHE A 443 0.90 -2.13 -27.80
N THR A 444 1.74 -1.36 -27.11
CA THR A 444 1.75 0.09 -27.30
C THR A 444 2.36 0.50 -28.64
N ASP A 445 3.26 -0.32 -29.18
CA ASP A 445 3.71 -0.14 -30.55
C ASP A 445 2.59 -0.38 -31.56
N TYR A 446 1.81 -1.42 -31.32
CA TYR A 446 0.61 -1.62 -32.12
C TYR A 446 -0.37 -0.42 -32.04
N LEU A 447 -0.53 0.15 -30.85
CA LEU A 447 -1.47 1.25 -30.68
C LEU A 447 -1.01 2.47 -31.45
N PHE A 448 0.28 2.75 -31.36
CA PHE A 448 0.84 3.87 -32.09
C PHE A 448 0.78 3.69 -33.61
N ASN A 449 0.98 2.46 -34.07
CA ASN A 449 0.82 2.19 -35.50
C ASN A 449 -0.62 2.31 -35.96
N LYS A 450 -1.54 1.92 -35.09
CA LYS A 450 -2.96 2.07 -35.41
C LYS A 450 -3.36 3.55 -35.46
N SER A 451 -2.77 4.38 -34.60
CA SER A 451 -2.95 5.81 -34.64
C SER A 451 -2.48 6.43 -35.94
N LEU A 452 -1.32 5.99 -36.41
CA LEU A 452 -0.80 6.48 -37.69
C LEU A 452 -1.64 6.06 -38.89
N GLU A 453 -2.31 4.92 -38.78
CA GLU A 453 -3.23 4.47 -39.80
C GLU A 453 -4.47 5.34 -39.87
N ILE A 454 -5.07 5.59 -38.71
CA ILE A 454 -6.38 6.23 -38.71
C ILE A 454 -6.29 7.73 -38.92
N GLU A 455 -5.16 8.32 -38.56
CA GLU A 455 -4.88 9.72 -38.83
C GLU A 455 -3.42 9.85 -39.23
N PRO A 456 -3.06 9.62 -40.50
CA PRO A 456 -1.69 9.77 -40.98
C PRO A 456 -1.08 11.15 -40.75
N ARG A 457 0.25 11.17 -40.69
CA ARG A 457 0.98 12.42 -40.53
C ARG A 457 0.78 13.40 -41.67
N ASN A 458 0.47 14.64 -41.29
CA ASN A 458 -0.09 15.72 -42.13
C ASN A 458 0.06 15.78 -43.65
N PRO A 459 1.25 15.62 -44.23
CA PRO A 459 1.42 15.48 -45.68
C PRO A 459 0.55 14.42 -46.36
N LYS A 460 0.37 13.28 -45.69
CA LYS A 460 -0.50 12.23 -46.22
C LYS A 460 -1.96 12.58 -45.93
N PRO A 461 -2.91 12.26 -46.83
CA PRO A 461 -4.30 12.63 -46.63
C PRO A 461 -5.00 11.75 -45.61
N LEU A 462 -6.18 12.19 -45.17
CA LEU A 462 -6.96 11.44 -44.20
C LEU A 462 -7.94 10.51 -44.91
N PRO A 463 -7.78 9.18 -44.87
CA PRO A 463 -8.78 8.27 -45.41
C PRO A 463 -10.06 8.27 -44.61
N ARG A 464 -11.12 7.80 -45.25
CA ARG A 464 -12.32 7.47 -44.48
C ARG A 464 -12.30 6.01 -44.16
N PHE A 465 -12.96 5.67 -43.06
CA PHE A 465 -13.02 4.29 -42.61
C PHE A 465 -14.46 3.95 -42.31
N PRO A 466 -14.90 2.70 -42.52
CA PRO A 466 -16.26 2.31 -42.22
C PRO A 466 -16.59 2.32 -40.74
N LYS A 467 -17.87 2.51 -40.49
CA LYS A 467 -18.41 2.44 -39.15
C LYS A 467 -18.39 1.01 -38.62
N LYS A 468 -18.22 0.88 -37.30
CA LYS A 468 -18.09 -0.44 -36.66
C LYS A 468 -19.16 -0.68 -35.64
N TYR A 469 -19.86 0.38 -35.25
CA TYR A 469 -20.90 0.27 -34.24
C TYR A 469 -22.23 0.40 -34.93
N SER A 470 -23.15 -0.44 -34.52
CA SER A 470 -24.46 -0.57 -35.16
C SER A 470 -25.55 0.11 -34.34
N TYR A 471 -25.26 0.35 -33.08
CA TYR A 471 -26.18 1.05 -32.18
C TYR A 471 -25.92 2.56 -32.22
N PRO A 472 -26.80 3.40 -31.67
CA PRO A 472 -26.57 4.84 -31.68
C PRO A 472 -25.41 5.30 -30.80
N LEU A 473 -24.72 6.31 -31.30
CA LEU A 473 -23.51 6.83 -30.68
C LEU A 473 -23.81 7.94 -29.68
N LYS A 474 -25.02 8.49 -29.74
CA LYS A 474 -25.47 9.54 -28.82
C LYS A 474 -25.36 9.10 -27.36
N SER A 475 -24.68 9.89 -26.55
CA SER A 475 -24.60 9.55 -25.14
C SER A 475 -25.92 9.81 -24.42
N PRO A 476 -26.24 9.07 -23.35
CA PRO A 476 -27.34 9.45 -22.48
C PRO A 476 -27.00 10.61 -21.55
N GLY A 477 -25.73 11.03 -21.52
CA GLY A 477 -25.35 12.12 -20.64
C GLY A 477 -24.97 11.62 -19.26
N VAL A 478 -24.61 12.56 -18.40
CA VAL A 478 -24.08 12.24 -17.08
C VAL A 478 -24.92 12.78 -15.94
N ARG A 479 -26.13 13.23 -16.25
CA ARG A 479 -27.06 13.55 -15.17
C ARG A 479 -27.87 12.30 -14.86
N PRO A 480 -27.90 11.85 -13.61
CA PRO A 480 -28.67 10.67 -13.26
C PRO A 480 -30.17 10.92 -13.30
N SER A 481 -30.89 9.81 -13.29
CA SER A 481 -32.32 9.78 -13.01
C SER A 481 -32.69 10.36 -11.64
N ASN A 482 -33.95 10.76 -11.52
CA ASN A 482 -34.46 11.73 -10.55
C ASN A 482 -34.71 13.06 -11.24
#